data_7RNM
#
_entry.id   7RNM
#
_cell.length_a   56.094
_cell.length_b   83.456
_cell.length_c   58.420
_cell.angle_alpha   90.000
_cell.angle_beta   108.520
_cell.angle_gamma   90.000
#
_symmetry.space_group_name_H-M   'P 1 21 1'
#
loop_
_entity.id
_entity.type
_entity.pdbx_description
1 polymer 'Estrogen receptor'
2 polymer 'Nuclear receptor coactivator 2'
3 non-polymer 2-(2-chloro-5-phenylthieno[2,3-d]pyrimidin-4-yl)-2,3-dihydro-1H-isoindol-5-ol
4 water water
#
loop_
_entity_poly.entity_id
_entity_poly.type
_entity_poly.pdbx_seq_one_letter_code
_entity_poly.pdbx_strand_id
1 'polypeptide(L)'
;SLALSLTADQMVSALLDAEPPILYSEYDPTRPFSEASMMGLLTNLADRELVHMINWAKRVPGFVDLTLHDQVHLLECAWL
EILMIGLVWRSMEHPGKLLFAPNLLLDRNQGKCVEGMVEIFDMLLATSSRFRMMNLQGEEFVCLKSIILLNSGVYTFLSS
TLKSLEEKDHIHRVLDKITDTLIHLMAKAGLTLQQQHQRLAQLLLILSHIRHMSNKGMEHLYSMKCKNVVPLSDLLLEML
DAHRLHAPTS
;
A,B
2 'polypeptide(L)' HKILHRLLQD C,D
#
loop_
_chem_comp.id
_chem_comp.type
_chem_comp.name
_chem_comp.formula
61Z non-polymer 2-(2-chloro-5-phenylthieno[2,3-d]pyrimidin-4-yl)-2,3-dihydro-1H-isoindol-5-ol 'C20 H14 Cl N3 O S'
#
# COMPACT_ATOMS: atom_id res chain seq x y z
N ALA A 3 15.39 15.49 -15.31
CA ALA A 3 15.37 14.29 -14.47
C ALA A 3 15.66 13.06 -15.31
N LEU A 4 15.19 13.07 -16.56
CA LEU A 4 15.28 11.90 -17.42
C LEU A 4 16.63 11.76 -18.10
N SER A 5 17.50 12.77 -17.99
CA SER A 5 18.84 12.69 -18.56
C SER A 5 19.92 12.53 -17.50
N LEU A 6 19.55 12.49 -16.22
CA LEU A 6 20.53 12.31 -15.16
C LEU A 6 21.02 10.86 -15.15
N THR A 7 22.31 10.69 -14.89
CA THR A 7 22.84 9.36 -14.63
C THR A 7 22.32 8.86 -13.28
N ALA A 8 22.53 7.56 -13.04
CA ALA A 8 22.14 7.00 -11.75
C ALA A 8 22.92 7.66 -10.61
N ASP A 9 24.23 7.80 -10.77
CA ASP A 9 25.04 8.45 -9.75
C ASP A 9 24.62 9.90 -9.57
N GLN A 10 24.23 10.57 -10.67
CA GLN A 10 23.76 11.94 -10.58
C GLN A 10 22.41 12.01 -9.87
N MET A 11 21.54 11.02 -10.11
CA MET A 11 20.28 10.92 -9.38
C MET A 11 20.51 10.81 -7.88
N VAL A 12 21.42 9.92 -7.47
CA VAL A 12 21.68 9.70 -6.05
C VAL A 12 22.27 10.95 -5.40
N SER A 13 23.22 11.61 -6.07
CA SER A 13 23.83 12.80 -5.49
C SER A 13 22.80 13.93 -5.36
N ALA A 14 21.92 14.09 -6.34
CA ALA A 14 20.88 15.09 -6.25
C ALA A 14 19.95 14.82 -5.06
N LEU A 15 19.53 13.56 -4.91
CA LEU A 15 18.63 13.23 -3.80
C LEU A 15 19.34 13.36 -2.46
N LEU A 16 20.61 12.95 -2.38
CA LEU A 16 21.37 13.14 -1.15
C LEU A 16 21.51 14.63 -0.81
N ASP A 17 21.77 15.47 -1.81
CA ASP A 17 21.92 16.89 -1.55
C ASP A 17 20.62 17.53 -1.07
N ALA A 18 19.49 16.98 -1.51
CA ALA A 18 18.19 17.56 -1.20
C ALA A 18 17.68 17.18 0.18
N GLU A 19 18.40 16.34 0.92
CA GLU A 19 17.89 15.79 2.16
C GLU A 19 17.54 16.92 3.14
N PRO A 20 16.39 16.84 3.80
CA PRO A 20 16.03 17.84 4.80
C PRO A 20 16.90 17.70 6.03
N PRO A 21 16.97 18.73 6.87
CA PRO A 21 17.70 18.60 8.13
C PRO A 21 16.88 17.86 9.17
N ILE A 22 17.58 17.40 10.20
CA ILE A 22 16.92 16.79 11.36
C ILE A 22 16.66 17.87 12.39
N LEU A 23 15.42 17.95 12.86
CA LEU A 23 14.95 19.00 13.74
C LEU A 23 14.85 18.50 15.19
N TYR A 24 14.78 19.45 16.11
CA TYR A 24 14.61 19.20 17.53
C TYR A 24 13.18 19.52 17.96
N SER A 25 12.77 18.89 19.07
CA SER A 25 11.55 19.28 19.76
C SER A 25 11.92 20.30 20.83
N GLU A 26 10.96 20.66 21.67
CA GLU A 26 11.20 21.62 22.76
C GLU A 26 12.17 21.06 23.79
N ALA A 36 -1.39 14.35 25.71
CA ALA A 36 -1.68 15.76 25.51
C ALA A 36 -0.39 16.55 25.39
N SER A 37 0.49 16.39 26.38
CA SER A 37 1.81 17.02 26.30
C SER A 37 2.65 16.40 25.20
N MET A 38 2.56 15.07 25.03
CA MET A 38 3.33 14.41 23.99
C MET A 38 2.86 14.83 22.61
N MET A 39 1.56 14.95 22.42
CA MET A 39 0.99 15.34 21.14
C MET A 39 1.47 16.70 20.70
N GLY A 40 1.57 17.65 21.64
CA GLY A 40 2.05 18.97 21.31
C GLY A 40 3.43 18.94 20.67
N LEU A 41 4.35 18.19 21.27
CA LEU A 41 5.68 18.07 20.69
C LEU A 41 5.62 17.40 19.32
N LEU A 42 4.78 16.36 19.19
CA LEU A 42 4.74 15.62 17.93
C LEU A 42 4.10 16.44 16.82
N THR A 43 2.98 17.10 17.12
CA THR A 43 2.33 17.92 16.10
C THR A 43 3.18 19.13 15.74
N ASN A 44 3.77 19.80 16.74
CA ASN A 44 4.69 20.89 16.44
C ASN A 44 5.85 20.40 15.58
N LEU A 45 6.40 19.23 15.89
CA LEU A 45 7.52 18.69 15.13
C LEU A 45 7.10 18.36 13.70
N ALA A 46 5.93 17.73 13.53
CA ALA A 46 5.45 17.38 12.20
C ALA A 46 5.22 18.63 11.37
N ASP A 47 4.73 19.69 11.99
CA ASP A 47 4.50 20.94 11.27
C ASP A 47 5.80 21.53 10.75
N ARG A 48 6.84 21.55 11.59
CA ARG A 48 8.11 22.13 11.15
C ARG A 48 8.76 21.24 10.10
N GLU A 49 8.65 19.92 10.23
CA GLU A 49 9.19 19.03 9.23
C GLU A 49 8.47 19.15 7.89
N LEU A 50 7.16 19.41 7.90
CA LEU A 50 6.45 19.59 6.64
C LEU A 50 7.01 20.76 5.84
N VAL A 51 7.37 21.85 6.51
CA VAL A 51 7.89 23.02 5.79
C VAL A 51 9.17 22.64 5.05
N HIS A 52 10.06 21.90 5.72
CA HIS A 52 11.28 21.45 5.05
C HIS A 52 10.99 20.41 3.99
N MET A 53 9.96 19.59 4.18
CA MET A 53 9.61 18.57 3.18
C MET A 53 9.24 19.21 1.86
N ILE A 54 8.61 20.38 1.89
CA ILE A 54 8.20 21.05 0.66
C ILE A 54 9.40 21.51 -0.14
N ASN A 55 10.39 22.13 0.52
CA ASN A 55 11.63 22.46 -0.18
C ASN A 55 12.31 21.21 -0.72
N TRP A 56 12.27 20.11 0.03
CA TRP A 56 12.89 18.87 -0.45
C TRP A 56 12.16 18.34 -1.67
N ALA A 57 10.82 18.36 -1.65
CA ALA A 57 10.05 17.88 -2.80
C ALA A 57 10.40 18.65 -4.06
N LYS A 58 10.61 19.96 -3.94
CA LYS A 58 10.96 20.76 -5.10
C LYS A 58 12.32 20.40 -5.68
N ARG A 59 13.14 19.66 -4.94
CA ARG A 59 14.45 19.23 -5.41
C ARG A 59 14.49 17.78 -5.83
N VAL A 60 13.39 17.05 -5.67
CA VAL A 60 13.27 15.70 -6.22
C VAL A 60 13.15 15.84 -7.72
N PRO A 61 14.07 15.26 -8.50
CA PRO A 61 14.07 15.48 -9.95
C PRO A 61 12.74 15.07 -10.57
N GLY A 62 12.21 15.93 -11.44
CA GLY A 62 10.94 15.71 -12.08
C GLY A 62 9.75 16.34 -11.39
N PHE A 63 9.86 16.63 -10.08
CA PHE A 63 8.72 17.15 -9.34
C PHE A 63 8.32 18.56 -9.83
N VAL A 64 9.29 19.46 -10.00
CA VAL A 64 8.95 20.81 -10.44
C VAL A 64 8.48 20.86 -11.89
N ASP A 65 8.70 19.80 -12.66
CA ASP A 65 8.11 19.73 -14.00
C ASP A 65 6.60 19.68 -13.94
N LEU A 66 6.04 19.17 -12.85
CA LEU A 66 4.60 19.03 -12.68
C LEU A 66 3.96 20.39 -12.39
N THR A 67 2.66 20.49 -12.67
CA THR A 67 1.92 21.69 -12.33
C THR A 67 1.85 21.85 -10.81
N LEU A 68 1.63 23.09 -10.37
CA LEU A 68 1.48 23.35 -8.95
C LEU A 68 0.32 22.54 -8.36
N HIS A 69 -0.76 22.38 -9.13
CA HIS A 69 -1.90 21.60 -8.64
C HIS A 69 -1.49 20.15 -8.40
N ASP A 70 -0.76 19.55 -9.34
CA ASP A 70 -0.32 18.18 -9.17
C ASP A 70 0.69 18.05 -8.03
N GLN A 71 1.56 19.06 -7.88
CA GLN A 71 2.50 19.07 -6.76
C GLN A 71 1.76 19.08 -5.42
N VAL A 72 0.70 19.90 -5.33
CA VAL A 72 -0.10 19.97 -4.10
C VAL A 72 -0.71 18.61 -3.80
N HIS A 73 -1.28 17.97 -4.83
CA HIS A 73 -1.96 16.70 -4.63
C HIS A 73 -0.99 15.64 -4.13
N LEU A 74 0.19 15.55 -4.73
CA LEU A 74 1.16 14.53 -4.34
C LEU A 74 1.60 14.70 -2.90
N LEU A 75 1.89 15.95 -2.50
CA LEU A 75 2.30 16.20 -1.12
C LEU A 75 1.14 15.97 -0.14
N GLU A 76 -0.08 16.34 -0.53
CA GLU A 76 -1.22 16.09 0.34
C GLU A 76 -1.42 14.59 0.57
N CYS A 77 -1.13 13.76 -0.42
CA CYS A 77 -1.28 12.32 -0.28
C CYS A 77 -0.10 11.68 0.44
N ALA A 78 1.10 12.23 0.27
CA ALA A 78 2.31 11.53 0.65
C ALA A 78 2.92 12.00 1.96
N TRP A 79 2.48 13.14 2.52
CA TRP A 79 3.31 13.81 3.52
C TRP A 79 3.51 12.94 4.77
N LEU A 80 2.47 12.25 5.22
CA LEU A 80 2.63 11.45 6.45
C LEU A 80 3.47 10.21 6.19
N GLU A 81 3.33 9.59 5.01
CA GLU A 81 4.23 8.52 4.64
C GLU A 81 5.69 8.98 4.68
N ILE A 82 5.95 10.18 4.17
CA ILE A 82 7.31 10.71 4.15
C ILE A 82 7.80 10.96 5.57
N LEU A 83 6.96 11.53 6.44
CA LEU A 83 7.35 11.71 7.83
C LEU A 83 7.69 10.38 8.48
N MET A 84 6.90 9.33 8.22
CA MET A 84 7.21 8.07 8.91
C MET A 84 8.43 7.36 8.35
N ILE A 85 8.65 7.38 7.04
CA ILE A 85 9.84 6.71 6.53
C ILE A 85 11.09 7.42 7.02
N GLY A 86 11.05 8.75 7.12
CA GLY A 86 12.15 9.48 7.73
C GLY A 86 12.36 9.10 9.18
N LEU A 87 11.26 9.01 9.94
CA LEU A 87 11.33 8.60 11.34
C LEU A 87 11.92 7.21 11.47
N VAL A 88 11.44 6.26 10.66
CA VAL A 88 11.96 4.90 10.69
C VAL A 88 13.45 4.89 10.36
N TRP A 89 13.85 5.70 9.38
CA TRP A 89 15.24 5.73 8.94
C TRP A 89 16.17 6.18 10.06
N ARG A 90 15.84 7.29 10.72
CA ARG A 90 16.73 7.77 11.77
C ARG A 90 16.58 7.00 13.08
N SER A 91 15.64 6.06 13.17
CA SER A 91 15.52 5.16 14.31
C SER A 91 16.21 3.82 14.08
N MET A 92 16.79 3.60 12.90
CA MET A 92 17.35 2.29 12.57
C MET A 92 18.43 1.86 13.56
N GLU A 93 19.32 2.77 13.92
CA GLU A 93 20.46 2.42 14.75
C GLU A 93 20.14 2.53 16.24
N HIS A 94 18.87 2.63 16.60
CA HIS A 94 18.41 2.64 17.99
C HIS A 94 17.37 1.54 18.16
N PRO A 95 17.80 0.28 18.22
CA PRO A 95 16.84 -0.84 18.32
C PRO A 95 15.86 -0.63 19.46
N GLY A 96 14.58 -0.82 19.16
CA GLY A 96 13.53 -0.70 20.16
C GLY A 96 13.08 0.71 20.47
N LYS A 97 13.56 1.72 19.74
CA LYS A 97 13.19 3.10 20.00
C LYS A 97 12.84 3.81 18.71
N LEU A 98 12.11 4.92 18.84
CA LEU A 98 11.83 5.81 17.72
C LEU A 98 12.44 7.16 18.00
N LEU A 99 13.34 7.61 17.13
CA LEU A 99 14.01 8.90 17.29
C LEU A 99 13.18 9.93 16.54
N PHE A 100 12.17 10.48 17.23
CA PHE A 100 11.41 11.58 16.66
C PHE A 100 12.29 12.81 16.47
N ALA A 101 13.15 13.09 17.44
CA ALA A 101 14.14 14.15 17.37
C ALA A 101 15.32 13.72 18.23
N PRO A 102 16.54 14.18 17.93
CA PRO A 102 17.71 13.77 18.72
C PRO A 102 17.47 13.90 20.22
N ASN A 103 16.68 14.87 20.64
CA ASN A 103 16.33 15.09 22.03
C ASN A 103 14.93 14.56 22.36
N LEU A 104 14.36 13.71 21.49
CA LEU A 104 13.05 13.14 21.72
C LEU A 104 13.09 11.67 21.25
N LEU A 105 13.79 10.84 22.02
CA LEU A 105 13.94 9.43 21.74
C LEU A 105 13.02 8.64 22.65
N LEU A 106 12.05 7.95 22.06
CA LEU A 106 10.95 7.34 22.80
C LEU A 106 11.05 5.82 22.76
N ASP A 107 10.91 5.19 23.93
CA ASP A 107 10.73 3.76 24.01
C ASP A 107 9.25 3.42 23.79
N ARG A 108 8.97 2.12 23.69
CA ARG A 108 7.60 1.68 23.42
C ARG A 108 6.63 2.14 24.51
N ASN A 109 7.01 1.96 25.77
CA ASN A 109 6.11 2.22 26.88
C ASN A 109 5.64 3.66 26.98
N GLN A 110 6.21 4.57 26.18
CA GLN A 110 5.94 6.00 26.28
C GLN A 110 4.86 6.47 25.31
N GLY A 111 3.93 5.60 24.93
CA GLY A 111 2.84 5.99 24.05
C GLY A 111 1.50 6.07 24.77
N MET A 117 -2.59 4.71 18.93
CA MET A 117 -1.31 5.39 19.02
C MET A 117 -0.15 4.40 19.12
N VAL A 118 -0.18 3.55 20.15
CA VAL A 118 0.90 2.58 20.34
C VAL A 118 0.88 1.56 19.20
N GLU A 119 -0.29 1.25 18.66
CA GLU A 119 -0.37 0.37 17.51
C GLU A 119 0.41 0.93 16.33
N ILE A 120 0.33 2.25 16.12
CA ILE A 120 1.15 2.92 15.13
C ILE A 120 2.62 2.80 15.52
N PHE A 121 2.93 3.16 16.77
CA PHE A 121 4.28 3.06 17.32
C PHE A 121 4.92 1.69 17.06
N ASP A 122 4.19 0.61 17.35
CA ASP A 122 4.71 -0.73 17.14
C ASP A 122 5.02 -1.00 15.67
N MET A 123 4.14 -0.55 14.76
CA MET A 123 4.40 -0.78 13.34
C MET A 123 5.63 -0.03 12.87
N LEU A 124 5.85 1.19 13.39
CA LEU A 124 7.04 1.94 13.02
C LEU A 124 8.29 1.25 13.53
N LEU A 125 8.25 0.72 14.76
CA LEU A 125 9.36 -0.04 15.31
C LEU A 125 9.67 -1.27 14.46
N ALA A 126 8.63 -1.98 14.02
CA ALA A 126 8.84 -3.17 13.21
C ALA A 126 9.48 -2.81 11.87
N THR A 127 9.09 -1.67 11.29
CA THR A 127 9.69 -1.24 10.03
C THR A 127 11.16 -0.89 10.20
N SER A 128 11.50 -0.21 11.30
CA SER A 128 12.89 0.12 11.58
C SER A 128 13.72 -1.16 11.74
N SER A 129 13.18 -2.16 12.43
CA SER A 129 13.87 -3.44 12.58
C SER A 129 14.08 -4.12 11.22
N ARG A 130 13.07 -4.02 10.35
CA ARG A 130 13.19 -4.56 9.00
C ARG A 130 14.29 -3.86 8.22
N PHE A 131 14.30 -2.53 8.25
CA PHE A 131 15.36 -1.76 7.60
C PHE A 131 16.73 -2.17 8.14
N ARG A 132 16.84 -2.32 9.45
CA ARG A 132 18.11 -2.69 10.07
C ARG A 132 18.55 -4.08 9.60
N MET A 133 17.63 -5.03 9.59
CA MET A 133 17.99 -6.39 9.17
C MET A 133 18.35 -6.44 7.70
N MET A 134 17.72 -5.62 6.86
CA MET A 134 18.14 -5.56 5.47
C MET A 134 19.37 -4.70 5.28
N ASN A 135 19.79 -3.97 6.32
CA ASN A 135 20.92 -3.04 6.23
C ASN A 135 20.65 -2.01 5.13
N LEU A 136 19.51 -1.33 5.24
CA LEU A 136 19.14 -0.31 4.27
C LEU A 136 20.20 0.77 4.20
N GLN A 137 20.61 1.12 2.98
CA GLN A 137 21.63 2.12 2.76
C GLN A 137 20.98 3.50 2.59
N GLY A 138 21.71 4.53 3.00
CA GLY A 138 21.20 5.89 2.86
C GLY A 138 20.83 6.22 1.43
N GLU A 139 21.63 5.75 0.46
CA GLU A 139 21.33 6.01 -0.94
C GLU A 139 20.04 5.31 -1.36
N GLU A 140 19.78 4.13 -0.83
CA GLU A 140 18.51 3.44 -1.08
C GLU A 140 17.35 4.18 -0.43
N PHE A 141 17.56 4.66 0.79
CA PHE A 141 16.52 5.38 1.53
C PHE A 141 16.01 6.59 0.75
N VAL A 142 16.91 7.41 0.20
CA VAL A 142 16.45 8.62 -0.46
C VAL A 142 15.69 8.27 -1.74
N CYS A 143 16.05 7.18 -2.41
CA CYS A 143 15.26 6.73 -3.56
C CYS A 143 13.87 6.31 -3.13
N LEU A 144 13.77 5.60 -2.01
CA LEU A 144 12.47 5.13 -1.54
C LEU A 144 11.57 6.31 -1.19
N LYS A 145 12.15 7.35 -0.60
CA LYS A 145 11.34 8.50 -0.19
C LYS A 145 10.82 9.27 -1.40
N SER A 146 11.62 9.36 -2.46
N SER A 146 11.61 9.35 -2.46
CA SER A 146 11.12 10.01 -3.68
CA SER A 146 11.13 10.01 -3.67
C SER A 146 10.04 9.18 -4.35
C SER A 146 10.05 9.19 -4.36
N ILE A 147 10.14 7.86 -4.28
CA ILE A 147 9.10 7.00 -4.85
C ILE A 147 7.78 7.20 -4.12
N ILE A 148 7.83 7.31 -2.79
CA ILE A 148 6.61 7.58 -2.03
C ILE A 148 5.96 8.86 -2.51
N LEU A 149 6.76 9.93 -2.66
CA LEU A 149 6.23 11.22 -3.09
C LEU A 149 5.55 11.12 -4.45
N LEU A 150 6.19 10.44 -5.40
CA LEU A 150 5.67 10.39 -6.76
C LEU A 150 4.58 9.34 -6.93
N ASN A 151 4.57 8.30 -6.10
CA ASN A 151 3.63 7.20 -6.27
C ASN A 151 2.33 7.38 -5.50
N SER A 152 2.35 8.02 -4.34
CA SER A 152 1.24 7.88 -3.41
C SER A 152 -0.04 8.58 -3.88
N GLY A 153 0.04 9.44 -4.89
CA GLY A 153 -1.14 10.11 -5.38
C GLY A 153 -1.31 9.99 -6.88
N VAL A 154 -0.43 9.21 -7.52
CA VAL A 154 -0.44 9.13 -8.98
C VAL A 154 -1.71 8.45 -9.50
N TYR A 155 -2.26 7.50 -8.74
CA TYR A 155 -3.48 6.81 -9.13
C TYR A 155 -4.75 7.58 -8.74
N THR A 156 -4.61 8.85 -8.37
CA THR A 156 -5.75 9.69 -8.02
C THR A 156 -5.46 11.16 -8.29
N LEU A 165 -3.09 12.71 -18.45
CA LEU A 165 -2.47 11.53 -19.06
C LEU A 165 -0.98 11.75 -19.29
N GLU A 166 -0.64 12.87 -19.94
CA GLU A 166 0.75 13.17 -20.23
C GLU A 166 1.55 13.36 -18.94
N GLU A 167 0.97 14.05 -17.96
CA GLU A 167 1.65 14.24 -16.68
C GLU A 167 1.81 12.92 -15.94
N LYS A 168 0.79 12.06 -15.98
CA LYS A 168 0.90 10.75 -15.36
C LYS A 168 2.00 9.92 -16.02
N ASP A 169 2.14 10.05 -17.35
CA ASP A 169 3.23 9.38 -18.05
C ASP A 169 4.58 9.90 -17.56
N HIS A 170 4.68 11.22 -17.32
CA HIS A 170 5.93 11.78 -16.86
C HIS A 170 6.29 11.28 -15.46
N ILE A 171 5.32 11.23 -14.56
CA ILE A 171 5.59 10.71 -13.22
C ILE A 171 6.03 9.24 -13.30
N HIS A 172 5.38 8.46 -14.17
CA HIS A 172 5.77 7.06 -14.33
C HIS A 172 7.15 6.93 -14.96
N ARG A 173 7.52 7.85 -15.86
CA ARG A 173 8.86 7.82 -16.44
C ARG A 173 9.92 8.17 -15.40
N VAL A 174 9.62 9.13 -14.52
CA VAL A 174 10.53 9.44 -13.43
C VAL A 174 10.60 8.29 -12.44
N LEU A 175 9.46 7.64 -12.17
CA LEU A 175 9.47 6.49 -11.26
C LEU A 175 10.35 5.37 -11.81
N ASP A 176 10.30 5.13 -13.12
CA ASP A 176 11.15 4.10 -13.74
C ASP A 176 12.62 4.45 -13.56
N LYS A 177 12.97 5.73 -13.71
CA LYS A 177 14.36 6.14 -13.51
C LYS A 177 14.81 5.94 -12.07
N ILE A 178 13.91 6.13 -11.10
CA ILE A 178 14.30 5.88 -9.72
C ILE A 178 14.49 4.38 -9.49
N THR A 179 13.68 3.55 -10.17
CA THR A 179 13.91 2.11 -10.09
C THR A 179 15.27 1.74 -10.67
N ASP A 180 15.60 2.27 -11.86
CA ASP A 180 16.95 2.10 -12.40
C ASP A 180 18.02 2.49 -11.40
N THR A 181 17.82 3.61 -10.71
CA THR A 181 18.80 4.10 -9.74
C THR A 181 18.99 3.11 -8.59
N LEU A 182 17.88 2.59 -8.05
CA LEU A 182 17.97 1.58 -7.00
C LEU A 182 18.72 0.34 -7.48
N ILE A 183 18.37 -0.16 -8.66
CA ILE A 183 19.05 -1.32 -9.23
C ILE A 183 20.53 -1.03 -9.39
N HIS A 184 20.87 0.17 -9.88
CA HIS A 184 22.26 0.57 -10.03
C HIS A 184 23.01 0.51 -8.72
N LEU A 185 22.41 1.03 -7.64
CA LEU A 185 23.06 0.98 -6.34
C LEU A 185 23.28 -0.46 -5.88
N MET A 186 22.33 -1.34 -6.20
CA MET A 186 22.44 -2.73 -5.77
C MET A 186 23.51 -3.47 -6.57
N ALA A 187 23.54 -3.23 -7.90
CA ALA A 187 24.60 -3.81 -8.72
C ALA A 187 25.97 -3.31 -8.27
N LYS A 188 26.06 -2.01 -7.95
CA LYS A 188 27.34 -1.46 -7.49
C LYS A 188 27.79 -2.09 -6.18
N ALA A 189 26.84 -2.48 -5.33
CA ALA A 189 27.14 -3.13 -4.07
C ALA A 189 27.47 -4.62 -4.22
N GLY A 190 27.55 -5.13 -5.44
CA GLY A 190 27.97 -6.49 -5.68
C GLY A 190 26.88 -7.54 -5.66
N LEU A 191 25.61 -7.15 -5.57
CA LEU A 191 24.53 -8.13 -5.54
C LEU A 191 24.37 -8.78 -6.90
N THR A 192 24.08 -10.09 -6.90
CA THR A 192 23.77 -10.75 -8.16
C THR A 192 22.48 -10.20 -8.73
N LEU A 193 22.24 -10.53 -10.00
CA LEU A 193 21.00 -10.12 -10.65
C LEU A 193 19.79 -10.61 -9.87
N GLN A 194 19.83 -11.87 -9.41
CA GLN A 194 18.71 -12.39 -8.62
C GLN A 194 18.57 -11.67 -7.29
N GLN A 195 19.68 -11.32 -6.66
CA GLN A 195 19.62 -10.60 -5.39
C GLN A 195 19.10 -9.18 -5.58
N GLN A 196 19.44 -8.56 -6.71
CA GLN A 196 18.95 -7.21 -7.01
C GLN A 196 17.43 -7.19 -7.07
N HIS A 197 16.83 -8.10 -7.85
CA HIS A 197 15.38 -8.12 -8.00
C HIS A 197 14.69 -8.47 -6.69
N GLN A 198 15.26 -9.41 -5.94
CA GLN A 198 14.69 -9.75 -4.63
C GLN A 198 14.73 -8.56 -3.69
N ARG A 199 15.86 -7.87 -3.61
CA ARG A 199 15.97 -6.72 -2.70
C ARG A 199 15.09 -5.57 -3.15
N LEU A 200 15.01 -5.33 -4.46
CA LEU A 200 14.08 -4.33 -4.98
C LEU A 200 12.66 -4.63 -4.50
N ALA A 201 12.22 -5.87 -4.67
CA ALA A 201 10.87 -6.24 -4.25
C ALA A 201 10.69 -6.06 -2.75
N GLN A 202 11.69 -6.48 -1.96
CA GLN A 202 11.58 -6.34 -0.51
C GLN A 202 11.40 -4.89 -0.11
N LEU A 203 12.14 -3.98 -0.74
CA LEU A 203 12.05 -2.56 -0.41
C LEU A 203 10.66 -2.01 -0.74
N LEU A 204 10.15 -2.34 -1.93
CA LEU A 204 8.87 -1.77 -2.36
C LEU A 204 7.70 -2.34 -1.57
N LEU A 205 7.80 -3.59 -1.12
CA LEU A 205 6.73 -4.15 -0.31
C LEU A 205 6.65 -3.44 1.05
N ILE A 206 7.77 -2.95 1.56
CA ILE A 206 7.75 -2.17 2.80
C ILE A 206 6.94 -0.89 2.61
N LEU A 207 6.96 -0.32 1.40
CA LEU A 207 6.17 0.88 1.12
C LEU A 207 4.68 0.64 1.29
N SER A 208 4.22 -0.59 1.03
CA SER A 208 2.84 -0.93 1.31
C SER A 208 2.54 -0.84 2.82
N HIS A 209 3.49 -1.27 3.65
CA HIS A 209 3.31 -1.15 5.10
C HIS A 209 3.35 0.31 5.54
N ILE A 210 4.18 1.12 4.89
CA ILE A 210 4.25 2.54 5.21
C ILE A 210 2.94 3.23 4.82
N ARG A 211 2.35 2.85 3.68
CA ARG A 211 1.03 3.35 3.34
C ARG A 211 0.01 2.99 4.41
N HIS A 212 0.08 1.75 4.91
CA HIS A 212 -0.85 1.31 5.94
C HIS A 212 -0.71 2.14 7.21
N MET A 213 0.53 2.39 7.64
CA MET A 213 0.78 3.19 8.83
C MET A 213 0.28 4.62 8.65
N SER A 214 0.49 5.20 7.47
CA SER A 214 -0.01 6.55 7.22
C SER A 214 -1.54 6.59 7.23
N ASN A 215 -2.18 5.59 6.61
CA ASN A 215 -3.63 5.47 6.67
C ASN A 215 -4.11 5.50 8.11
N LYS A 216 -3.45 4.69 8.97
CA LYS A 216 -3.84 4.62 10.37
C LYS A 216 -3.53 5.93 11.09
N GLY A 217 -2.41 6.56 10.76
CA GLY A 217 -2.05 7.81 11.40
C GLY A 217 -2.98 8.94 11.02
N MET A 218 -3.44 8.98 9.76
CA MET A 218 -4.40 9.98 9.35
C MET A 218 -5.71 9.84 10.12
N GLU A 219 -6.15 8.59 10.35
CA GLU A 219 -7.35 8.35 11.13
C GLU A 219 -7.19 8.84 12.56
N HIS A 220 -6.03 8.58 13.16
CA HIS A 220 -5.76 9.09 14.50
C HIS A 220 -5.68 10.61 14.50
N LEU A 221 -5.01 11.19 13.50
CA LEU A 221 -4.93 12.64 13.37
C LEU A 221 -6.31 13.27 13.28
N TYR A 222 -7.25 12.61 12.59
CA TYR A 222 -8.60 13.17 12.48
C TYR A 222 -9.33 13.15 13.81
N SER A 223 -9.14 12.08 14.59
CA SER A 223 -9.79 11.99 15.90
C SER A 223 -9.28 13.10 16.82
N MET A 224 -7.96 13.22 16.95
CA MET A 224 -7.32 14.35 17.60
C MET A 224 -7.92 15.68 17.18
N LYS A 225 -8.22 15.87 15.89
CA LYS A 225 -8.70 17.19 15.47
C LYS A 225 -10.12 17.41 15.94
N CYS A 226 -10.94 16.34 15.98
CA CYS A 226 -12.30 16.44 16.50
C CYS A 226 -12.29 16.89 17.94
N LYS A 227 -11.47 16.23 18.77
CA LYS A 227 -11.16 16.75 20.09
C LYS A 227 -10.37 18.05 19.94
N ASN A 228 -10.47 18.91 20.95
CA ASN A 228 -9.74 20.17 20.89
C ASN A 228 -8.50 20.16 21.77
N VAL A 229 -8.25 19.06 22.47
CA VAL A 229 -7.08 18.85 23.32
C VAL A 229 -5.78 19.39 22.71
N VAL A 230 -5.48 19.02 21.47
CA VAL A 230 -4.15 19.17 20.89
C VAL A 230 -4.18 20.34 19.92
N PRO A 231 -3.26 21.30 20.05
CA PRO A 231 -3.18 22.38 19.05
C PRO A 231 -2.57 21.87 17.76
N LEU A 232 -3.28 22.09 16.66
CA LEU A 232 -2.84 21.68 15.33
C LEU A 232 -2.70 22.91 14.44
N SER A 233 -1.56 23.05 13.78
CA SER A 233 -1.27 24.22 12.97
C SER A 233 -2.20 24.29 11.77
N ASP A 234 -2.34 25.49 11.20
CA ASP A 234 -3.26 25.66 10.09
C ASP A 234 -2.86 24.82 8.89
N LEU A 235 -1.55 24.70 8.64
CA LEU A 235 -1.07 23.84 7.57
C LEU A 235 -1.50 22.40 7.79
N LEU A 236 -1.29 21.87 9.00
CA LEU A 236 -1.73 20.51 9.32
C LEU A 236 -3.23 20.35 9.12
N LEU A 237 -4.01 21.33 9.57
CA LEU A 237 -5.46 21.24 9.41
C LEU A 237 -5.84 21.20 7.93
N GLU A 238 -5.12 21.95 7.10
CA GLU A 238 -5.36 21.89 5.66
C GLU A 238 -4.93 20.55 5.08
N MET A 239 -3.82 19.99 5.57
CA MET A 239 -3.42 18.65 5.16
C MET A 239 -4.49 17.63 5.52
N LEU A 240 -4.98 17.68 6.75
CA LEU A 240 -6.02 16.74 7.19
C LEU A 240 -7.29 16.91 6.38
N ASP A 241 -7.65 18.15 6.06
CA ASP A 241 -8.83 18.38 5.24
C ASP A 241 -8.69 17.73 3.87
N ALA A 242 -7.47 17.61 3.37
CA ALA A 242 -7.26 17.01 2.04
C ALA A 242 -7.59 15.53 2.03
N HIS A 243 -7.30 14.82 3.13
CA HIS A 243 -7.75 13.44 3.24
C HIS A 243 -9.23 13.39 3.60
N ALA B 3 8.02 -25.85 -0.63
CA ALA B 3 7.79 -24.42 -0.83
C ALA B 3 8.94 -23.79 -1.61
N LEU B 4 10.15 -23.90 -1.08
CA LEU B 4 11.30 -23.30 -1.72
C LEU B 4 11.90 -24.20 -2.79
N SER B 5 11.55 -25.49 -2.79
CA SER B 5 12.01 -26.44 -3.78
C SER B 5 11.26 -26.34 -5.10
N LEU B 6 10.31 -25.41 -5.23
CA LEU B 6 9.49 -25.33 -6.43
C LEU B 6 10.20 -24.55 -7.51
N THR B 7 10.02 -24.98 -8.76
CA THR B 7 10.48 -24.16 -9.87
C THR B 7 9.48 -23.02 -10.11
N ALA B 8 9.91 -22.04 -10.90
CA ALA B 8 9.05 -20.93 -11.24
C ALA B 8 7.80 -21.40 -11.99
N ASP B 9 7.99 -22.29 -12.97
CA ASP B 9 6.84 -22.82 -13.70
C ASP B 9 5.91 -23.62 -12.81
N GLN B 10 6.47 -24.34 -11.83
CA GLN B 10 5.62 -25.08 -10.89
C GLN B 10 4.91 -24.15 -9.93
N MET B 11 5.54 -23.04 -9.55
CA MET B 11 4.88 -22.02 -8.76
C MET B 11 3.66 -21.46 -9.49
N VAL B 12 3.86 -21.06 -10.75
CA VAL B 12 2.78 -20.48 -11.54
C VAL B 12 1.65 -21.49 -11.70
N SER B 13 1.99 -22.74 -12.02
CA SER B 13 0.97 -23.77 -12.21
C SER B 13 0.17 -24.00 -10.94
N ALA B 14 0.85 -24.12 -9.80
CA ALA B 14 0.16 -24.30 -8.53
C ALA B 14 -0.79 -23.14 -8.24
N LEU B 15 -0.34 -21.90 -8.47
CA LEU B 15 -1.18 -20.76 -8.17
C LEU B 15 -2.37 -20.66 -9.13
N LEU B 16 -2.17 -20.98 -10.41
CA LEU B 16 -3.28 -20.94 -11.34
C LEU B 16 -4.33 -22.00 -11.00
N ASP B 17 -3.88 -23.21 -10.65
CA ASP B 17 -4.81 -24.27 -10.30
C ASP B 17 -5.58 -23.98 -9.02
N ALA B 18 -5.05 -23.11 -8.15
CA ALA B 18 -5.69 -22.78 -6.89
C ALA B 18 -6.70 -21.64 -6.99
N GLU B 19 -6.85 -21.06 -8.17
CA GLU B 19 -7.71 -19.89 -8.32
C GLU B 19 -9.13 -20.20 -7.86
N PRO B 20 -9.77 -19.30 -7.12
CA PRO B 20 -11.16 -19.51 -6.71
C PRO B 20 -12.11 -19.23 -7.86
N PRO B 21 -13.34 -19.71 -7.78
CA PRO B 21 -14.32 -19.42 -8.83
C PRO B 21 -14.83 -17.99 -8.74
N ILE B 22 -15.48 -17.56 -9.81
CA ILE B 22 -16.21 -16.29 -9.81
C ILE B 22 -17.63 -16.59 -9.34
N LEU B 23 -18.04 -15.94 -8.26
CA LEU B 23 -19.33 -16.20 -7.64
C LEU B 23 -20.37 -15.18 -8.09
N TYR B 24 -21.63 -15.57 -7.98
CA TYR B 24 -22.73 -14.68 -8.31
C TYR B 24 -23.22 -13.97 -7.05
N SER B 25 -23.71 -12.75 -7.24
CA SER B 25 -24.35 -12.07 -6.12
C SER B 25 -25.79 -12.54 -6.00
N GLU B 26 -26.44 -12.15 -4.91
CA GLU B 26 -27.86 -12.42 -4.70
C GLU B 26 -28.74 -11.31 -5.28
N TYR B 27 -28.31 -10.67 -6.36
CA TYR B 27 -29.02 -9.53 -6.92
C TYR B 27 -30.45 -9.89 -7.27
N ASP B 28 -31.40 -9.09 -6.76
CA ASP B 28 -32.82 -9.24 -7.05
C ASP B 28 -33.23 -8.16 -8.04
N PRO B 29 -33.34 -8.46 -9.34
CA PRO B 29 -33.68 -7.42 -10.31
C PRO B 29 -35.14 -6.99 -10.27
N THR B 30 -35.95 -7.51 -9.33
CA THR B 30 -37.34 -7.12 -9.26
C THR B 30 -37.56 -5.81 -8.51
N ARG B 31 -36.56 -5.35 -7.75
CA ARG B 31 -36.69 -4.18 -6.91
C ARG B 31 -35.56 -3.21 -7.17
N PRO B 32 -35.82 -1.91 -7.04
CA PRO B 32 -34.75 -0.92 -7.20
C PRO B 32 -33.70 -1.07 -6.11
N PHE B 33 -32.52 -0.52 -6.37
CA PHE B 33 -31.47 -0.54 -5.37
C PHE B 33 -31.76 0.47 -4.27
N SER B 34 -31.35 0.12 -3.06
CA SER B 34 -31.22 1.08 -1.97
C SER B 34 -29.81 0.96 -1.40
N GLU B 35 -29.44 1.91 -0.54
CA GLU B 35 -28.18 1.80 0.17
C GLU B 35 -28.08 0.47 0.92
N ALA B 36 -29.16 0.10 1.62
CA ALA B 36 -29.15 -1.14 2.38
C ALA B 36 -29.05 -2.36 1.47
N SER B 37 -29.79 -2.36 0.35
CA SER B 37 -29.80 -3.57 -0.48
C SER B 37 -28.49 -3.75 -1.25
N MET B 38 -27.91 -2.66 -1.79
CA MET B 38 -26.53 -2.70 -2.26
C MET B 38 -25.56 -3.28 -1.25
N MET B 39 -25.52 -2.68 -0.06
CA MET B 39 -24.61 -3.15 0.97
C MET B 39 -24.87 -4.62 1.29
N GLY B 40 -26.14 -5.02 1.28
CA GLY B 40 -26.45 -6.43 1.51
C GLY B 40 -25.84 -7.35 0.48
N LEU B 41 -25.91 -6.96 -0.80
CA LEU B 41 -25.28 -7.75 -1.85
C LEU B 41 -23.77 -7.85 -1.66
N LEU B 42 -23.12 -6.72 -1.34
CA LEU B 42 -21.67 -6.73 -1.26
C LEU B 42 -21.18 -7.52 -0.05
N THR B 43 -21.87 -7.41 1.08
CA THR B 43 -21.46 -8.19 2.25
C THR B 43 -21.75 -9.68 2.07
N ASN B 44 -22.91 -10.01 1.47
CA ASN B 44 -23.19 -11.40 1.13
C ASN B 44 -22.13 -11.98 0.20
N LEU B 45 -21.75 -11.22 -0.83
CA LEU B 45 -20.74 -11.67 -1.77
C LEU B 45 -19.39 -11.87 -1.10
N ALA B 46 -18.95 -10.88 -0.31
CA ALA B 46 -17.68 -11.01 0.40
C ALA B 46 -17.69 -12.24 1.30
N ASP B 47 -18.79 -12.45 2.03
CA ASP B 47 -18.96 -13.63 2.88
C ASP B 47 -18.70 -14.92 2.12
N ARG B 48 -19.35 -15.08 0.96
CA ARG B 48 -19.21 -16.33 0.23
C ARG B 48 -17.84 -16.44 -0.43
N GLU B 49 -17.25 -15.32 -0.86
CA GLU B 49 -15.91 -15.34 -1.41
C GLU B 49 -14.85 -15.68 -0.36
N LEU B 50 -15.08 -15.29 0.90
CA LEU B 50 -14.10 -15.57 1.95
C LEU B 50 -13.88 -17.06 2.14
N VAL B 51 -14.95 -17.86 2.06
CA VAL B 51 -14.78 -19.30 2.22
C VAL B 51 -13.86 -19.86 1.14
N HIS B 52 -14.06 -19.45 -0.10
CA HIS B 52 -13.16 -19.88 -1.16
C HIS B 52 -11.75 -19.31 -0.96
N MET B 53 -11.64 -18.11 -0.40
CA MET B 53 -10.33 -17.52 -0.22
C MET B 53 -9.52 -18.28 0.83
N ILE B 54 -10.19 -18.78 1.87
CA ILE B 54 -9.50 -19.57 2.88
C ILE B 54 -8.92 -20.83 2.26
N ASN B 55 -9.67 -21.50 1.39
CA ASN B 55 -9.15 -22.71 0.80
C ASN B 55 -8.14 -22.41 -0.30
N TRP B 56 -8.27 -21.27 -0.98
CA TRP B 56 -7.22 -20.82 -1.87
C TRP B 56 -5.93 -20.56 -1.11
N ALA B 57 -6.04 -19.84 0.01
CA ALA B 57 -4.85 -19.53 0.81
C ALA B 57 -4.10 -20.77 1.25
N LYS B 58 -4.80 -21.83 1.68
CA LYS B 58 -4.02 -23.04 1.99
C LYS B 58 -3.30 -23.67 0.80
N ARG B 59 -3.62 -23.30 -0.41
CA ARG B 59 -2.90 -23.82 -1.56
C ARG B 59 -1.80 -22.86 -2.04
N VAL B 60 -1.66 -21.72 -1.37
CA VAL B 60 -0.53 -20.83 -1.63
C VAL B 60 0.71 -21.43 -0.97
N PRO B 61 1.73 -21.80 -1.74
CA PRO B 61 2.89 -22.48 -1.14
C PRO B 61 3.50 -21.67 -0.02
N GLY B 62 3.89 -22.37 1.05
CA GLY B 62 4.39 -21.75 2.25
C GLY B 62 3.33 -21.42 3.29
N PHE B 63 2.06 -21.30 2.90
CA PHE B 63 1.04 -20.84 3.84
C PHE B 63 0.68 -21.92 4.86
N VAL B 64 0.54 -23.18 4.43
CA VAL B 64 0.13 -24.23 5.37
C VAL B 64 1.22 -24.54 6.38
N ASP B 65 2.49 -24.20 6.10
CA ASP B 65 3.55 -24.42 7.06
C ASP B 65 3.38 -23.57 8.32
N LEU B 66 2.53 -22.55 8.27
CA LEU B 66 2.37 -21.63 9.39
C LEU B 66 1.40 -22.18 10.42
N THR B 67 1.57 -21.74 11.67
CA THR B 67 0.60 -22.07 12.71
C THR B 67 -0.75 -21.45 12.37
N LEU B 68 -1.81 -22.03 12.94
CA LEU B 68 -3.15 -21.51 12.71
C LEU B 68 -3.25 -20.04 13.08
N HIS B 69 -2.58 -19.64 14.17
CA HIS B 69 -2.66 -18.24 14.59
C HIS B 69 -2.05 -17.32 13.54
N ASP B 70 -0.96 -17.74 12.92
CA ASP B 70 -0.31 -16.90 11.90
C ASP B 70 -1.11 -16.89 10.61
N GLN B 71 -1.68 -18.04 10.25
CA GLN B 71 -2.59 -18.09 9.11
C GLN B 71 -3.80 -17.16 9.33
N VAL B 72 -4.36 -17.16 10.54
CA VAL B 72 -5.46 -16.26 10.87
C VAL B 72 -5.03 -14.81 10.68
N HIS B 73 -3.87 -14.45 11.23
CA HIS B 73 -3.40 -13.06 11.17
C HIS B 73 -3.24 -12.60 9.74
N LEU B 74 -2.59 -13.41 8.91
CA LEU B 74 -2.36 -13.02 7.52
C LEU B 74 -3.67 -12.77 6.78
N LEU B 75 -4.63 -13.69 6.93
CA LEU B 75 -5.90 -13.53 6.25
C LEU B 75 -6.68 -12.34 6.81
N GLU B 76 -6.60 -12.13 8.13
CA GLU B 76 -7.28 -10.97 8.71
C GLU B 76 -6.72 -9.67 8.17
N CYS B 77 -5.41 -9.62 7.90
N CYS B 77 -5.42 -9.64 7.87
CA CYS B 77 -4.83 -8.40 7.36
CA CYS B 77 -4.80 -8.40 7.39
C CYS B 77 -5.18 -8.20 5.90
C CYS B 77 -4.97 -8.20 5.89
N ALA B 78 -5.14 -9.27 5.11
CA ALA B 78 -5.12 -9.17 3.66
C ALA B 78 -6.46 -9.38 2.96
N TRP B 79 -7.51 -9.79 3.67
CA TRP B 79 -8.68 -10.35 2.99
C TRP B 79 -9.32 -9.34 2.04
N LEU B 80 -9.44 -8.08 2.47
CA LEU B 80 -10.12 -7.11 1.61
C LEU B 80 -9.22 -6.69 0.45
N GLU B 81 -7.91 -6.57 0.69
CA GLU B 81 -6.99 -6.37 -0.43
C GLU B 81 -7.14 -7.47 -1.47
N ILE B 82 -7.25 -8.72 -1.01
CA ILE B 82 -7.38 -9.86 -1.92
C ILE B 82 -8.70 -9.81 -2.68
N LEU B 83 -9.79 -9.46 -1.99
CA LEU B 83 -11.06 -9.30 -2.71
C LEU B 83 -10.98 -8.19 -3.75
N MET B 84 -10.36 -7.06 -3.40
CA MET B 84 -10.35 -5.96 -4.37
C MET B 84 -9.40 -6.21 -5.53
N ILE B 85 -8.23 -6.82 -5.29
CA ILE B 85 -7.39 -7.08 -6.46
C ILE B 85 -8.09 -8.06 -7.39
N GLY B 86 -8.84 -9.01 -6.83
CA GLY B 86 -9.64 -9.89 -7.67
C GLY B 86 -10.71 -9.14 -8.43
N LEU B 87 -11.41 -8.22 -7.76
CA LEU B 87 -12.40 -7.38 -8.40
C LEU B 87 -11.80 -6.57 -9.54
N VAL B 88 -10.67 -5.93 -9.28
CA VAL B 88 -10.00 -5.14 -10.30
C VAL B 88 -9.63 -6.02 -11.49
N TRP B 89 -9.10 -7.21 -11.21
CA TRP B 89 -8.73 -8.15 -12.27
C TRP B 89 -9.94 -8.55 -13.11
N ARG B 90 -11.05 -8.91 -12.46
CA ARG B 90 -12.29 -9.27 -13.17
C ARG B 90 -12.79 -8.13 -14.05
N SER B 91 -12.48 -6.90 -13.67
CA SER B 91 -13.07 -5.72 -14.28
C SER B 91 -12.26 -5.17 -15.44
N MET B 92 -11.05 -5.68 -15.67
CA MET B 92 -10.15 -5.09 -16.67
C MET B 92 -10.81 -4.98 -18.04
N GLU B 93 -11.58 -5.98 -18.43
CA GLU B 93 -12.22 -5.99 -19.74
C GLU B 93 -13.59 -5.33 -19.73
N HIS B 94 -13.86 -4.48 -18.74
CA HIS B 94 -15.08 -3.69 -18.67
C HIS B 94 -14.70 -2.26 -18.31
N PRO B 95 -14.18 -1.49 -19.27
CA PRO B 95 -13.83 -0.09 -19.00
C PRO B 95 -14.98 0.67 -18.36
N GLY B 96 -14.67 1.42 -17.30
CA GLY B 96 -15.65 2.23 -16.62
C GLY B 96 -16.60 1.49 -15.70
N LYS B 97 -16.40 0.19 -15.50
CA LYS B 97 -17.31 -0.60 -14.69
C LYS B 97 -16.53 -1.51 -13.76
N LEU B 98 -17.21 -1.97 -12.71
CA LEU B 98 -16.66 -2.93 -11.77
C LEU B 98 -17.55 -4.16 -11.79
N LEU B 99 -16.95 -5.31 -12.11
CA LEU B 99 -17.68 -6.57 -12.16
C LEU B 99 -17.57 -7.24 -10.80
N PHE B 100 -18.38 -6.76 -9.84
CA PHE B 100 -18.46 -7.42 -8.54
C PHE B 100 -18.84 -8.88 -8.70
N ALA B 101 -19.75 -9.15 -9.63
CA ALA B 101 -20.21 -10.48 -9.98
C ALA B 101 -20.73 -10.42 -11.41
N PRO B 102 -20.87 -11.56 -12.09
CA PRO B 102 -21.43 -11.52 -13.45
C PRO B 102 -22.81 -10.88 -13.49
N ASN B 103 -23.61 -11.02 -12.44
CA ASN B 103 -24.93 -10.40 -12.37
C ASN B 103 -24.91 -9.11 -11.57
N LEU B 104 -23.73 -8.57 -11.28
CA LEU B 104 -23.60 -7.30 -10.57
C LEU B 104 -22.45 -6.51 -11.18
N LEU B 105 -22.69 -5.99 -12.39
CA LEU B 105 -21.74 -5.18 -13.14
C LEU B 105 -22.18 -3.72 -13.04
N LEU B 106 -21.44 -2.94 -12.24
CA LEU B 106 -21.88 -1.61 -11.82
C LEU B 106 -21.00 -0.53 -12.42
N ASP B 107 -21.61 0.60 -12.76
CA ASP B 107 -20.85 1.81 -13.06
C ASP B 107 -20.89 2.74 -11.85
N ARG B 108 -20.12 3.83 -11.93
CA ARG B 108 -19.94 4.67 -10.75
C ARG B 108 -21.23 5.38 -10.36
N ASN B 109 -22.13 5.61 -11.31
CA ASN B 109 -23.42 6.20 -10.95
C ASN B 109 -24.23 5.28 -10.06
N GLN B 110 -24.10 3.96 -10.24
CA GLN B 110 -24.73 3.02 -9.34
C GLN B 110 -24.01 2.92 -8.00
N GLY B 111 -22.73 3.24 -7.95
CA GLY B 111 -22.02 3.26 -6.69
C GLY B 111 -22.45 4.38 -5.77
N LYS B 112 -22.95 5.48 -6.34
CA LYS B 112 -23.43 6.59 -5.52
C LYS B 112 -24.63 6.21 -4.66
N CYS B 113 -25.22 5.03 -4.90
N CYS B 113 -25.20 5.03 -4.88
CA CYS B 113 -26.34 4.58 -4.08
CA CYS B 113 -26.35 4.61 -4.08
C CYS B 113 -25.96 4.46 -2.61
C CYS B 113 -25.97 4.40 -2.62
N VAL B 114 -24.73 4.02 -2.35
CA VAL B 114 -24.23 3.84 -1.00
C VAL B 114 -23.35 5.03 -0.66
N GLU B 115 -23.66 5.69 0.46
CA GLU B 115 -22.87 6.85 0.88
C GLU B 115 -21.42 6.44 1.13
N GLY B 116 -20.49 7.19 0.54
CA GLY B 116 -19.08 6.91 0.68
C GLY B 116 -18.51 5.85 -0.23
N MET B 117 -19.36 5.17 -1.01
CA MET B 117 -18.86 4.08 -1.85
C MET B 117 -18.19 4.60 -3.12
N VAL B 118 -18.71 5.70 -3.69
CA VAL B 118 -18.19 6.20 -4.96
C VAL B 118 -16.71 6.53 -4.87
N GLU B 119 -16.25 7.01 -3.71
CA GLU B 119 -14.84 7.30 -3.52
C GLU B 119 -13.97 6.06 -3.73
N ILE B 120 -14.39 4.93 -3.15
CA ILE B 120 -13.64 3.68 -3.33
C ILE B 120 -13.82 3.15 -4.74
N PHE B 121 -15.05 3.23 -5.27
CA PHE B 121 -15.34 2.82 -6.63
C PHE B 121 -14.35 3.43 -7.63
N ASP B 122 -14.10 4.74 -7.50
CA ASP B 122 -13.21 5.43 -8.44
C ASP B 122 -11.79 4.91 -8.34
N MET B 123 -11.31 4.66 -7.12
CA MET B 123 -9.95 4.13 -6.97
C MET B 123 -9.83 2.75 -7.62
N LEU B 124 -10.82 1.89 -7.40
CA LEU B 124 -10.79 0.56 -8.02
C LEU B 124 -10.84 0.66 -9.54
N LEU B 125 -11.68 1.55 -10.06
CA LEU B 125 -11.73 1.80 -11.51
C LEU B 125 -10.36 2.22 -12.03
N ALA B 126 -9.68 3.12 -11.30
CA ALA B 126 -8.38 3.59 -11.73
C ALA B 126 -7.35 2.46 -11.73
N THR B 127 -7.40 1.59 -10.71
CA THR B 127 -6.51 0.43 -10.68
C THR B 127 -6.79 -0.52 -11.84
N SER B 128 -8.07 -0.71 -12.17
CA SER B 128 -8.41 -1.61 -13.27
C SER B 128 -7.86 -1.09 -14.59
N SER B 129 -7.98 0.22 -14.83
CA SER B 129 -7.42 0.79 -16.05
C SER B 129 -5.90 0.75 -16.05
N ARG B 130 -5.27 0.93 -14.88
CA ARG B 130 -3.83 0.77 -14.78
C ARG B 130 -3.40 -0.64 -15.19
N PHE B 131 -4.08 -1.67 -14.66
CA PHE B 131 -3.78 -3.04 -15.05
C PHE B 131 -4.01 -3.26 -16.54
N ARG B 132 -5.07 -2.67 -17.09
CA ARG B 132 -5.35 -2.83 -18.52
C ARG B 132 -4.26 -2.19 -19.36
N MET B 133 -3.85 -0.97 -18.99
CA MET B 133 -2.78 -0.28 -19.72
C MET B 133 -1.48 -1.06 -19.65
N MET B 134 -1.16 -1.64 -18.50
CA MET B 134 0.04 -2.45 -18.34
C MET B 134 -0.08 -3.82 -19.00
N ASN B 135 -1.27 -4.19 -19.47
CA ASN B 135 -1.56 -5.54 -19.95
C ASN B 135 -1.10 -6.60 -18.94
N LEU B 136 -1.54 -6.43 -17.69
CA LEU B 136 -1.34 -7.45 -16.66
C LEU B 136 -1.80 -8.82 -17.14
N GLN B 137 -0.95 -9.82 -16.93
CA GLN B 137 -1.24 -11.20 -17.29
C GLN B 137 -1.72 -11.98 -16.07
N GLY B 138 -2.53 -13.02 -16.35
CA GLY B 138 -3.08 -13.81 -15.25
C GLY B 138 -2.01 -14.46 -14.40
N GLU B 139 -0.91 -14.87 -15.02
CA GLU B 139 0.21 -15.42 -14.27
C GLU B 139 0.80 -14.39 -13.33
N GLU B 140 0.90 -13.13 -13.77
CA GLU B 140 1.39 -12.06 -12.91
C GLU B 140 0.37 -11.74 -11.82
N PHE B 141 -0.92 -11.74 -12.18
CA PHE B 141 -1.97 -11.44 -11.22
C PHE B 141 -1.95 -12.42 -10.06
N VAL B 142 -1.85 -13.73 -10.33
CA VAL B 142 -1.89 -14.69 -9.23
C VAL B 142 -0.65 -14.56 -8.37
N CYS B 143 0.48 -14.15 -8.95
CA CYS B 143 1.67 -13.90 -8.17
C CYS B 143 1.45 -12.72 -7.22
N LEU B 144 0.84 -11.64 -7.71
CA LEU B 144 0.58 -10.47 -6.89
C LEU B 144 -0.38 -10.79 -5.76
N LYS B 145 -1.41 -11.59 -6.04
CA LYS B 145 -2.39 -11.90 -5.01
C LYS B 145 -1.75 -12.74 -3.89
N SER B 146 -0.82 -13.64 -4.26
CA SER B 146 -0.10 -14.39 -3.25
C SER B 146 0.84 -13.50 -2.45
N ILE B 147 1.47 -12.52 -3.11
CA ILE B 147 2.33 -11.58 -2.39
C ILE B 147 1.52 -10.81 -1.34
N ILE B 148 0.32 -10.38 -1.70
CA ILE B 148 -0.52 -9.66 -0.74
C ILE B 148 -0.79 -10.53 0.49
N LEU B 149 -1.14 -11.80 0.25
CA LEU B 149 -1.46 -12.71 1.35
C LEU B 149 -0.29 -12.84 2.32
N LEU B 150 0.92 -13.05 1.79
CA LEU B 150 2.06 -13.30 2.65
C LEU B 150 2.66 -12.01 3.21
N ASN B 151 2.50 -10.88 2.52
CA ASN B 151 3.21 -9.67 2.91
C ASN B 151 2.41 -8.76 3.84
N SER B 152 1.09 -8.65 3.66
CA SER B 152 0.35 -7.57 4.30
C SER B 152 0.42 -7.66 5.82
N GLY B 153 0.36 -8.87 6.36
CA GLY B 153 0.46 -9.07 7.79
C GLY B 153 1.83 -9.48 8.29
N VAL B 154 2.87 -9.41 7.44
CA VAL B 154 4.16 -9.97 7.82
C VAL B 154 4.84 -9.12 8.88
N TYR B 155 4.57 -7.81 8.91
CA TYR B 155 5.33 -6.88 9.78
C TYR B 155 4.48 -6.52 10.99
N THR B 156 3.47 -7.34 11.26
CA THR B 156 2.60 -7.18 12.45
C THR B 156 2.58 -8.51 13.20
N ASP B 169 11.32 -15.38 8.72
CA ASP B 169 12.34 -15.71 7.74
C ASP B 169 11.76 -16.60 6.64
N HIS B 170 10.91 -17.56 7.04
CA HIS B 170 10.35 -18.50 6.07
C HIS B 170 9.43 -17.79 5.07
N ILE B 171 8.53 -16.93 5.56
CA ILE B 171 7.72 -16.11 4.64
C ILE B 171 8.60 -15.26 3.73
N HIS B 172 9.70 -14.72 4.25
CA HIS B 172 10.50 -13.86 3.38
C HIS B 172 11.22 -14.66 2.32
N ARG B 173 11.60 -15.90 2.63
CA ARG B 173 12.13 -16.80 1.61
C ARG B 173 11.07 -17.09 0.56
N VAL B 174 9.83 -17.35 0.99
CA VAL B 174 8.77 -17.64 0.02
C VAL B 174 8.46 -16.42 -0.84
N LEU B 175 8.35 -15.24 -0.21
CA LEU B 175 8.14 -14.02 -0.97
C LEU B 175 9.26 -13.80 -1.99
N ASP B 176 10.50 -14.13 -1.61
CA ASP B 176 11.60 -14.07 -2.56
C ASP B 176 11.41 -14.99 -3.74
N LYS B 177 10.90 -16.19 -3.54
CA LYS B 177 10.66 -17.12 -4.67
C LYS B 177 9.61 -16.52 -5.61
N ILE B 178 8.63 -15.84 -5.03
CA ILE B 178 7.59 -15.30 -5.88
C ILE B 178 8.16 -14.15 -6.71
N THR B 179 9.07 -13.37 -6.14
CA THR B 179 9.77 -12.37 -6.95
C THR B 179 10.52 -13.02 -8.12
N ASP B 180 11.27 -14.08 -7.81
CA ASP B 180 11.93 -14.87 -8.86
C ASP B 180 10.92 -15.30 -9.93
N THR B 181 9.73 -15.73 -9.48
CA THR B 181 8.71 -16.20 -10.42
C THR B 181 8.21 -15.07 -11.31
N LEU B 182 7.99 -13.88 -10.74
CA LEU B 182 7.56 -12.74 -11.54
C LEU B 182 8.60 -12.38 -12.59
N ILE B 183 9.88 -12.31 -12.18
CA ILE B 183 10.95 -12.01 -13.13
C ILE B 183 11.02 -13.08 -14.21
N HIS B 184 10.87 -14.34 -13.82
CA HIS B 184 10.88 -15.43 -14.80
C HIS B 184 9.77 -15.24 -15.84
N LEU B 185 8.56 -14.92 -15.38
CA LEU B 185 7.44 -14.67 -16.28
C LEU B 185 7.74 -13.54 -17.23
N MET B 186 8.36 -12.47 -16.72
CA MET B 186 8.63 -11.30 -17.54
C MET B 186 9.72 -11.59 -18.57
N ALA B 187 10.79 -12.28 -18.17
CA ALA B 187 11.81 -12.68 -19.13
C ALA B 187 11.23 -13.57 -20.21
N LYS B 188 10.40 -14.55 -19.82
CA LYS B 188 9.81 -15.45 -20.80
C LYS B 188 8.89 -14.70 -21.75
N ALA B 189 8.28 -13.61 -21.30
CA ALA B 189 7.46 -12.77 -22.16
C ALA B 189 8.29 -11.92 -23.11
N GLY B 190 9.61 -11.91 -22.97
CA GLY B 190 10.48 -11.19 -23.87
C GLY B 190 10.92 -9.81 -23.40
N LEU B 191 10.65 -9.45 -22.15
CA LEU B 191 11.07 -8.15 -21.66
C LEU B 191 12.58 -8.14 -21.46
N THR B 192 13.21 -7.02 -21.82
CA THR B 192 14.63 -6.83 -21.53
C THR B 192 14.85 -6.84 -20.02
N LEU B 193 16.12 -7.09 -19.63
CA LEU B 193 16.50 -7.08 -18.23
C LEU B 193 15.99 -5.85 -17.50
N GLN B 194 16.20 -4.69 -18.10
CA GLN B 194 15.85 -3.45 -17.45
C GLN B 194 14.35 -3.14 -17.55
N GLN B 195 13.67 -3.58 -18.60
CA GLN B 195 12.20 -3.61 -18.58
C GLN B 195 11.66 -4.52 -17.47
N GLN B 196 12.39 -5.59 -17.16
CA GLN B 196 11.94 -6.53 -16.14
C GLN B 196 11.89 -5.88 -14.76
N HIS B 197 12.96 -5.20 -14.36
CA HIS B 197 12.91 -4.61 -13.02
C HIS B 197 12.01 -3.37 -12.99
N GLN B 198 11.82 -2.69 -14.12
CA GLN B 198 10.88 -1.57 -14.14
C GLN B 198 9.44 -2.06 -13.97
N ARG B 199 9.09 -3.17 -14.61
CA ARG B 199 7.72 -3.67 -14.49
C ARG B 199 7.48 -4.29 -13.12
N LEU B 200 8.49 -4.97 -12.56
CA LEU B 200 8.37 -5.47 -11.20
C LEU B 200 8.03 -4.33 -10.25
N ALA B 201 8.77 -3.23 -10.33
CA ALA B 201 8.53 -2.09 -9.46
C ALA B 201 7.14 -1.49 -9.68
N GLN B 202 6.71 -1.38 -10.94
CA GLN B 202 5.38 -0.83 -11.21
C GLN B 202 4.30 -1.69 -10.58
N LEU B 203 4.42 -3.02 -10.70
CA LEU B 203 3.41 -3.90 -10.14
C LEU B 203 3.39 -3.83 -8.62
N LEU B 204 4.56 -3.78 -7.99
CA LEU B 204 4.62 -3.78 -6.53
C LEU B 204 4.17 -2.44 -5.95
N LEU B 205 4.39 -1.35 -6.68
CA LEU B 205 3.89 -0.06 -6.22
C LEU B 205 2.37 0.00 -6.25
N ILE B 206 1.73 -0.73 -7.16
CA ILE B 206 0.26 -0.76 -7.17
C ILE B 206 -0.26 -1.41 -5.90
N LEU B 207 0.54 -2.29 -5.30
CA LEU B 207 0.13 -2.93 -4.05
C LEU B 207 -0.02 -1.92 -2.91
N SER B 208 0.72 -0.81 -2.95
CA SER B 208 0.48 0.24 -1.96
C SER B 208 -0.88 0.90 -2.17
N HIS B 209 -1.29 1.05 -3.42
CA HIS B 209 -2.61 1.59 -3.69
CA HIS B 209 -2.62 1.60 -3.68
C HIS B 209 -3.71 0.63 -3.27
N ILE B 210 -3.46 -0.68 -3.43
CA ILE B 210 -4.44 -1.69 -3.01
C ILE B 210 -4.56 -1.71 -1.49
N ARG B 211 -3.44 -1.58 -0.78
CA ARG B 211 -3.50 -1.41 0.67
C ARG B 211 -4.36 -0.20 1.04
N HIS B 212 -4.14 0.92 0.35
CA HIS B 212 -4.88 2.16 0.62
C HIS B 212 -6.38 1.95 0.42
N MET B 213 -6.74 1.28 -0.68
CA MET B 213 -8.14 1.02 -1.02
C MET B 213 -8.80 0.11 0.00
N SER B 214 -8.07 -0.93 0.45
CA SER B 214 -8.55 -1.79 1.51
C SER B 214 -8.85 -1.00 2.78
N ASN B 215 -7.93 -0.13 3.21
CA ASN B 215 -8.15 0.60 4.45
C ASN B 215 -9.35 1.54 4.34
N LYS B 216 -9.55 2.17 3.18
CA LYS B 216 -10.78 2.92 2.95
C LYS B 216 -12.00 2.02 2.99
N GLY B 217 -11.93 0.87 2.32
CA GLY B 217 -13.05 -0.04 2.33
C GLY B 217 -13.36 -0.56 3.73
N MET B 218 -12.33 -0.70 4.56
CA MET B 218 -12.57 -1.25 5.89
C MET B 218 -13.20 -0.19 6.78
N GLU B 219 -12.79 1.07 6.63
CA GLU B 219 -13.45 2.15 7.34
C GLU B 219 -14.89 2.33 6.88
N HIS B 220 -15.15 2.12 5.59
CA HIS B 220 -16.52 2.25 5.10
C HIS B 220 -17.40 1.13 5.64
N LEU B 221 -16.86 -0.10 5.69
CA LEU B 221 -17.59 -1.23 6.27
C LEU B 221 -17.95 -0.95 7.73
N TYR B 222 -16.98 -0.48 8.51
CA TYR B 222 -17.24 -0.11 9.89
C TYR B 222 -18.35 0.94 9.99
N SER B 223 -18.37 1.87 9.03
CA SER B 223 -19.38 2.94 9.04
C SER B 223 -20.79 2.39 8.83
N MET B 224 -20.96 1.52 7.82
CA MET B 224 -22.27 0.95 7.55
C MET B 224 -22.77 0.15 8.75
N LYS B 225 -21.87 -0.66 9.33
CA LYS B 225 -22.13 -1.42 10.54
C LYS B 225 -22.46 -0.53 11.74
N CYS B 226 -21.81 0.64 11.86
CA CYS B 226 -22.11 1.49 13.01
C CYS B 226 -23.40 2.27 12.86
N LYS B 227 -23.92 2.43 11.65
CA LYS B 227 -25.21 3.05 11.43
C LYS B 227 -26.32 2.04 11.18
N ASN B 228 -26.06 0.75 11.45
CA ASN B 228 -27.07 -0.30 11.32
C ASN B 228 -27.66 -0.33 9.91
N VAL B 229 -26.81 -0.14 8.90
CA VAL B 229 -27.27 -0.17 7.51
C VAL B 229 -27.60 -1.60 7.10
N VAL B 230 -26.72 -2.54 7.43
CA VAL B 230 -26.91 -3.95 7.11
C VAL B 230 -26.36 -4.81 8.23
N PRO B 231 -26.90 -6.01 8.45
CA PRO B 231 -26.31 -6.92 9.44
C PRO B 231 -25.10 -7.61 8.83
N LEU B 232 -24.00 -7.61 9.57
CA LEU B 232 -22.81 -8.32 9.12
C LEU B 232 -22.78 -9.71 9.72
N SER B 233 -22.31 -10.67 8.95
CA SER B 233 -22.14 -12.02 9.45
C SER B 233 -21.11 -12.03 10.57
N ASP B 234 -21.11 -13.12 11.35
CA ASP B 234 -20.12 -13.25 12.41
C ASP B 234 -18.70 -13.19 11.86
N LEU B 235 -18.49 -13.79 10.68
CA LEU B 235 -17.16 -13.75 10.06
C LEU B 235 -16.72 -12.33 9.76
N LEU B 236 -17.58 -11.54 9.09
CA LEU B 236 -17.20 -10.16 8.77
C LEU B 236 -17.04 -9.33 10.02
N LEU B 237 -17.86 -9.58 11.03
CA LEU B 237 -17.71 -8.87 12.29
C LEU B 237 -16.33 -9.10 12.89
N GLU B 238 -15.86 -10.35 12.86
CA GLU B 238 -14.54 -10.65 13.43
C GLU B 238 -13.42 -10.13 12.53
N MET B 239 -13.59 -10.18 11.21
CA MET B 239 -12.66 -9.48 10.33
C MET B 239 -12.55 -8.00 10.69
N LEU B 240 -13.67 -7.35 10.97
CA LEU B 240 -13.64 -5.94 11.33
C LEU B 240 -12.96 -5.74 12.68
N ASP B 241 -13.27 -6.61 13.65
CA ASP B 241 -12.60 -6.55 14.95
C ASP B 241 -11.08 -6.56 14.80
N ALA B 242 -10.57 -7.35 13.86
CA ALA B 242 -9.13 -7.54 13.73
C ALA B 242 -8.44 -6.25 13.26
N HIS B 243 -9.10 -5.47 12.41
CA HIS B 243 -8.48 -4.24 11.90
C HIS B 243 -8.64 -3.10 12.90
N LYS C 2 -4.40 25.39 0.24
CA LYS C 2 -4.22 26.83 0.21
C LYS C 2 -2.83 27.22 0.69
N ILE C 3 -2.52 26.86 1.94
CA ILE C 3 -1.20 27.14 2.49
C ILE C 3 -0.11 26.40 1.72
N LEU C 4 -0.40 25.16 1.32
CA LEU C 4 0.56 24.38 0.55
C LEU C 4 0.88 25.03 -0.78
N HIS C 5 -0.12 25.65 -1.42
CA HIS C 5 0.10 26.35 -2.67
C HIS C 5 1.16 27.44 -2.52
N ARG C 6 0.95 28.37 -1.59
CA ARG C 6 1.90 29.44 -1.37
C ARG C 6 3.26 28.89 -0.96
N LEU C 7 3.26 27.81 -0.16
CA LEU C 7 4.51 27.25 0.33
C LEU C 7 5.32 26.66 -0.83
N LEU C 8 4.63 26.06 -1.81
CA LEU C 8 5.33 25.53 -2.98
C LEU C 8 5.83 26.66 -3.88
N GLN C 9 5.07 27.74 -3.98
CA GLN C 9 5.50 28.90 -4.76
C GLN C 9 6.61 29.66 -4.04
N LYS D 2 -12.45 -17.85 17.06
CA LYS D 2 -12.71 -17.13 15.81
C LYS D 2 -13.29 -18.07 14.75
N ILE D 3 -14.28 -17.61 13.96
CA ILE D 3 -14.74 -18.40 12.82
C ILE D 3 -13.57 -18.76 11.93
N LEU D 4 -12.67 -17.80 11.72
CA LEU D 4 -11.57 -17.99 10.78
C LEU D 4 -10.66 -19.13 11.20
N HIS D 5 -10.35 -19.19 12.51
CA HIS D 5 -9.55 -20.28 13.04
C HIS D 5 -10.15 -21.64 12.70
N ARG D 6 -11.46 -21.79 12.91
CA ARG D 6 -12.08 -23.09 12.62
C ARG D 6 -12.20 -23.33 11.12
N LEU D 7 -12.50 -22.28 10.34
CA LEU D 7 -12.61 -22.47 8.90
C LEU D 7 -11.30 -22.95 8.30
N LEU D 8 -10.17 -22.52 8.86
CA LEU D 8 -8.88 -22.87 8.29
C LEU D 8 -8.54 -24.34 8.47
N GLN D 9 -9.17 -25.02 9.41
CA GLN D 9 -8.88 -26.42 9.70
C GLN D 9 -10.12 -27.30 9.58
N ASP D 10 -10.95 -27.03 8.58
CA ASP D 10 -12.16 -27.82 8.35
C ASP D 10 -12.67 -27.60 6.93
N1 61Z E . 3.75 9.11 15.25
N3 61Z E . 2.38 8.72 17.17
C4 61Z E . 5.80 11.53 12.93
C5 61Z E . 7.13 11.47 12.21
C6 61Z E . 7.92 12.54 12.23
C7 61Z E . 7.53 13.84 12.97
C8 61Z E . 6.38 13.90 13.60
C10 61Z E . 3.98 12.37 14.22
C13 61Z E . 1.12 12.92 14.85
C15 61Z E . 1.21 15.25 14.06
C17 61Z E . 0.66 13.46 12.47
C20 61Z E . 1.77 9.85 16.88
C1 61Z E . 3.37 8.40 16.32
C11 61Z E . 2.10 10.68 15.77
C12 61Z E . 1.21 11.79 15.87
C14 61Z E . 1.34 14.42 15.09
C16 61Z E . 0.85 14.75 12.66
C18 61Z E . 0.79 12.51 13.64
C19 61Z E . 0.29 11.82 16.86
C2 61Z E . 3.12 10.24 14.95
C3 61Z E . 4.71 10.69 13.16
C9 61Z E . 5.50 12.68 13.56
N2 61Z E . 3.65 11.00 13.82
O1 61Z E . 9.16 12.52 11.57
S1 61Z E . 0.40 10.43 17.94
CL1 61Z E . 4.23 6.87 16.64
N1 61Z F . -16.12 -2.09 -3.05
N3 61Z F . -17.04 -0.02 -2.30
C4 61Z F . -15.53 -6.10 -2.93
C5 61Z F . -14.90 -7.16 -3.80
C6 61Z F . -15.48 -8.36 -3.86
C7 61Z F . -16.75 -8.69 -3.06
C8 61Z F . -17.31 -7.78 -2.29
C10 61Z F . -17.04 -5.01 -1.40
C13 61Z F . -17.25 -3.48 1.27
C15 61Z F . -15.89 -5.15 2.50
C17 61Z F . -18.33 -5.50 2.24
C20 61Z F . -17.25 -0.62 -1.15
C1 61Z F . -16.47 -0.80 -3.21
C11 61Z F . -16.94 -1.98 -0.87
C12 61Z F . -17.35 -2.17 0.48
C14 61Z F . -15.92 -4.00 1.83
C16 61Z F . -17.18 -5.95 2.73
C18 61Z F . -18.35 -4.18 1.48
C19 61Z F . -17.92 -1.15 1.15
C2 61Z F . -16.33 -2.69 -1.89
C3 61Z F . -15.27 -4.78 -2.59
C9 61Z F . -16.65 -6.42 -2.23
N2 61Z F . -15.97 -4.09 -1.76
O1 61Z F . -14.93 -9.39 -4.64
S1 61Z F . -18.03 0.33 0.20
CL1 61Z F . -16.16 0.01 -4.78
#